data_5GOY
#
_entry.id   5GOY
#
_cell.length_a   65.539
_cell.length_b   93.133
_cell.length_c   122.482
_cell.angle_alpha   90.00
_cell.angle_beta   90.00
_cell.angle_gamma   90.00
#
_symmetry.space_group_name_H-M   'P 21 21 21'
#
loop_
_entity.id
_entity.type
_entity.pdbx_description
1 polymer 'Methionine--tRNA ligase, cytoplasmic'
2 non-polymer 'ZINC ION'
3 non-polymer METHIONINE
4 water water
#
_entity_poly.entity_id   1
_entity_poly.type   'polypeptide(L)'
_entity_poly.pdbx_seq_one_letter_code
;MSEEEELATLSEEEIAMAVTAWEKGLESLPPLRPQQNPVLPVAGERNVLITSALPYVNNVPHLGNIIGCVLSADVFARYS
RLRQWNTLYLCGTDEYGTATETKALEEGLTPQEICDKYHIIHADIYRWFNISFDIFGRTTTPQQTKITQDIFQQLLKRGF
VLQDTVEQLRCEHCARFLADRFVEGVCPFCGYEEARGDQCDKCGKLINAVELKKPQCKVCRSCPVVQSSQHLFLDLPKLE
KRLEEWLGRTLPGSDWTPNAQFITRSWLRDGLKPRCITRDLKWGTPVPLEGFEDKVFYVWFDATIGYLSITANYTDQWER
WWKNPEQVDLYQFMAKDNVPFHSLVFPCSALGAEDNYTLVSHLIATEYLNYEDGKFSKSRGVGVFGDMAQDTGIPADIWR
FYLLYIRPEGQDSAFSWTDLLLKNNSELLNNLGNFINRAGMFVSKFFGGYVPEMVLTPDDQRLLAHVTLELQHYHQLLEK
VRIRDALRSILTISRHGNQYIQVNEPWKRIKGSEADRQRAGTVTGLAVNIAALLSVMLQPYMPTVSATIQAQLQLPPPAC
SILLTNFLCTLPAGHQIGTVSPLFQKLENDQIESLRQRFGGGQAKTSPKPAVVETVLEHHHHHH
;
_entity_poly.pdbx_strand_id   A
#
loop_
_chem_comp.id
_chem_comp.type
_chem_comp.name
_chem_comp.formula
ZN non-polymer 'ZINC ION' 'Zn 2'
#
# COMPACT_ATOMS: atom_id res chain seq x y z
N ALA A 8 -31.09 3.01 16.35
CA ALA A 8 -30.27 4.09 16.89
C ALA A 8 -30.50 4.25 18.38
N THR A 9 -30.79 3.14 19.06
CA THR A 9 -31.04 3.16 20.49
C THR A 9 -30.09 2.23 21.24
N LEU A 10 -29.40 2.79 22.22
CA LEU A 10 -28.39 2.07 22.99
C LEU A 10 -28.93 1.66 24.35
N SER A 11 -28.04 1.10 25.18
CA SER A 11 -28.40 0.78 26.56
C SER A 11 -27.97 1.92 27.49
N GLU A 12 -28.53 1.94 28.69
CA GLU A 12 -28.13 2.93 29.69
C GLU A 12 -26.68 2.73 30.07
N GLU A 13 -26.27 1.46 30.16
CA GLU A 13 -24.89 1.11 30.49
C GLU A 13 -23.93 1.58 29.42
N GLU A 14 -24.35 1.49 28.16
CA GLU A 14 -23.54 1.97 27.04
C GLU A 14 -23.34 3.47 27.13
N ILE A 15 -24.45 4.18 27.33
CA ILE A 15 -24.44 5.64 27.40
C ILE A 15 -23.64 6.12 28.62
N ALA A 16 -23.90 5.53 29.78
CA ALA A 16 -23.22 5.93 31.01
C ALA A 16 -21.73 5.62 30.97
N MET A 17 -21.35 4.56 30.26
CA MET A 17 -19.95 4.18 30.16
C MET A 17 -19.17 5.12 29.25
N ALA A 18 -19.76 5.47 28.12
CA ALA A 18 -19.12 6.36 27.16
C ALA A 18 -18.97 7.77 27.73
N VAL A 19 -19.99 8.21 28.45
CA VAL A 19 -19.96 9.52 29.09
C VAL A 19 -18.81 9.59 30.09
N THR A 20 -18.66 8.53 30.88
CA THR A 20 -17.62 8.48 31.90
C THR A 20 -16.23 8.60 31.28
N ALA A 21 -16.01 7.84 30.22
CA ALA A 21 -14.72 7.85 29.53
C ALA A 21 -14.46 9.23 28.93
N TRP A 22 -15.51 9.88 28.44
CA TRP A 22 -15.40 11.20 27.86
C TRP A 22 -15.01 12.24 28.91
N GLU A 23 -15.76 12.26 30.01
CA GLU A 23 -15.55 13.23 31.07
C GLU A 23 -14.21 13.03 31.77
N LYS A 24 -13.62 11.85 31.62
CA LYS A 24 -12.35 11.58 32.29
C LYS A 24 -11.30 12.45 31.63
N GLY A 25 -11.46 12.72 30.33
CA GLY A 25 -10.69 13.73 29.64
C GLY A 25 -9.29 13.32 29.18
N LEU A 26 -8.40 14.31 29.11
CA LEU A 26 -7.03 14.08 28.63
C LEU A 26 -6.19 13.31 29.63
N GLU A 27 -6.76 13.01 30.80
CA GLU A 27 -6.02 12.28 31.81
C GLU A 27 -6.00 10.79 31.48
N SER A 28 -6.84 10.39 30.53
CA SER A 28 -6.86 9.01 30.05
C SER A 28 -5.70 8.79 29.11
N LEU A 29 -5.02 9.88 28.77
CA LEU A 29 -3.98 9.85 27.76
C LEU A 29 -2.62 9.53 28.35
N PRO A 30 -2.08 8.36 28.02
CA PRO A 30 -0.72 8.02 28.43
C PRO A 30 0.25 8.99 27.77
N PRO A 31 1.04 9.72 28.58
CA PRO A 31 2.05 10.61 27.98
C PRO A 31 2.96 9.81 27.07
N LEU A 32 3.09 10.28 25.83
CA LEU A 32 3.66 9.49 24.74
C LEU A 32 5.08 8.99 24.97
N ARG A 33 5.54 8.13 24.06
CA ARG A 33 6.91 7.64 24.08
C ARG A 33 7.69 8.32 22.95
N PRO A 34 8.89 8.82 23.27
CA PRO A 34 9.74 9.51 22.29
C PRO A 34 10.04 8.66 21.05
N GLN A 35 9.94 9.28 19.88
CA GLN A 35 10.17 8.59 18.61
C GLN A 35 11.57 7.99 18.54
N GLN A 36 11.66 6.75 18.06
CA GLN A 36 12.92 6.02 18.01
C GLN A 36 13.43 5.87 16.58
N ASN A 37 14.73 6.04 16.41
CA ASN A 37 15.39 5.80 15.13
C ASN A 37 16.69 5.02 15.36
N PRO A 38 16.74 3.77 14.88
CA PRO A 38 15.67 3.11 14.13
C PRO A 38 14.58 2.53 15.03
N VAL A 39 13.40 2.33 14.46
CA VAL A 39 12.31 1.67 15.19
C VAL A 39 12.60 0.17 15.29
N LEU A 40 12.63 -0.35 16.50
CA LEU A 40 12.92 -1.76 16.73
C LEU A 40 11.81 -2.38 17.56
N PRO A 41 11.62 -3.71 17.44
CA PRO A 41 10.58 -4.39 18.22
C PRO A 41 10.84 -4.30 19.73
N VAL A 42 9.76 -4.10 20.49
CA VAL A 42 9.87 -4.04 21.94
C VAL A 42 9.10 -5.20 22.57
N ALA A 43 9.82 -6.04 23.30
CA ALA A 43 9.23 -7.24 23.91
C ALA A 43 8.00 -6.92 24.75
N GLY A 44 6.96 -7.73 24.62
CA GLY A 44 5.73 -7.53 25.35
C GLY A 44 4.71 -6.67 24.62
N GLU A 45 5.20 -5.72 23.84
CA GLU A 45 4.33 -4.83 23.07
C GLU A 45 4.06 -5.41 21.69
N ARG A 46 3.07 -4.86 20.98
CA ARG A 46 2.83 -5.31 19.62
C ARG A 46 3.80 -4.65 18.67
N ASN A 47 4.44 -5.48 17.84
CA ASN A 47 5.39 -4.98 16.86
C ASN A 47 4.91 -5.25 15.45
N VAL A 48 4.55 -4.18 14.75
CA VAL A 48 3.94 -4.30 13.43
C VAL A 48 4.94 -4.00 12.30
N LEU A 49 5.27 -5.03 11.53
CA LEU A 49 6.13 -4.86 10.36
C LEU A 49 5.28 -4.77 9.11
N ILE A 50 5.48 -3.71 8.33
CA ILE A 50 4.67 -3.46 7.15
C ILE A 50 5.53 -3.28 5.90
N THR A 51 5.26 -4.10 4.89
CA THR A 51 5.93 -3.95 3.60
C THR A 51 4.91 -3.68 2.50
N SER A 52 5.26 -2.77 1.60
CA SER A 52 4.52 -2.60 0.37
C SER A 52 5.31 -3.22 -0.76
N ALA A 53 4.63 -3.81 -1.73
CA ALA A 53 5.29 -4.44 -2.86
C ALA A 53 6.20 -3.44 -3.56
N LEU A 54 7.44 -3.86 -3.81
CA LEU A 54 8.47 -2.99 -4.39
C LEU A 54 8.18 -2.71 -5.86
N PRO A 55 7.78 -1.48 -6.19
CA PRO A 55 7.44 -1.15 -7.58
C PRO A 55 8.65 -1.26 -8.50
N TYR A 56 8.44 -1.81 -9.70
CA TYR A 56 9.50 -1.87 -10.69
C TYR A 56 9.97 -0.45 -11.01
N VAL A 57 11.26 -0.21 -10.87
CA VAL A 57 11.79 1.16 -10.87
C VAL A 57 11.59 1.92 -12.18
N ASN A 58 11.68 1.22 -13.32
CA ASN A 58 11.74 1.90 -14.61
C ASN A 58 10.39 2.18 -15.26
N ASN A 59 9.32 1.99 -14.50
CA ASN A 59 8.00 2.39 -14.95
C ASN A 59 7.38 3.41 -14.00
N VAL A 60 7.01 4.57 -14.55
CA VAL A 60 6.31 5.58 -13.75
C VAL A 60 4.98 5.02 -13.26
N PRO A 61 4.77 5.02 -11.94
CA PRO A 61 3.56 4.45 -11.34
C PRO A 61 2.31 5.27 -11.66
N HIS A 62 1.18 4.59 -11.84
CA HIS A 62 -0.10 5.28 -12.01
C HIS A 62 -0.95 5.05 -10.77
N LEU A 63 -2.12 5.70 -10.73
CA LEU A 63 -2.97 5.67 -9.55
C LEU A 63 -3.36 4.24 -9.15
N GLY A 64 -3.45 3.35 -10.12
CA GLY A 64 -3.76 1.95 -9.85
C GLY A 64 -2.68 1.28 -9.04
N ASN A 65 -1.42 1.52 -9.40
CA ASN A 65 -0.29 0.98 -8.66
C ASN A 65 -0.24 1.52 -7.25
N ILE A 66 -0.51 2.81 -7.11
CA ILE A 66 -0.38 3.50 -5.84
C ILE A 66 -1.43 3.03 -4.83
N ILE A 67 -2.69 2.96 -5.26
CA ILE A 67 -3.76 2.59 -4.34
C ILE A 67 -3.63 1.13 -3.91
N GLY A 68 -3.12 0.29 -4.80
CA GLY A 68 -2.99 -1.12 -4.51
C GLY A 68 -1.92 -1.44 -3.48
N CYS A 69 -0.89 -0.59 -3.42
CA CYS A 69 0.27 -0.92 -2.60
C CYS A 69 0.67 0.18 -1.59
N VAL A 70 1.45 1.16 -2.02
CA VAL A 70 2.03 2.14 -1.09
C VAL A 70 0.97 2.93 -0.32
N LEU A 71 -0.13 3.29 -0.97
CA LEU A 71 -1.15 4.09 -0.31
C LEU A 71 -1.96 3.28 0.68
N SER A 72 -2.29 2.04 0.31
CA SER A 72 -3.02 1.16 1.21
C SER A 72 -2.16 0.84 2.44
N ALA A 73 -0.88 0.56 2.19
CA ALA A 73 0.04 0.25 3.26
C ALA A 73 0.26 1.45 4.18
N ASP A 74 0.21 2.66 3.61
CA ASP A 74 0.45 3.86 4.38
C ASP A 74 -0.70 4.16 5.35
N VAL A 75 -1.93 3.90 4.92
CA VAL A 75 -3.08 4.11 5.78
C VAL A 75 -2.97 3.25 7.03
N PHE A 76 -2.75 1.95 6.84
CA PHE A 76 -2.60 1.03 7.95
C PHE A 76 -1.37 1.35 8.79
N ALA A 77 -0.31 1.82 8.13
CA ALA A 77 0.91 2.18 8.85
C ALA A 77 0.66 3.35 9.80
N ARG A 78 -0.09 4.34 9.33
CA ARG A 78 -0.40 5.50 10.14
C ARG A 78 -1.36 5.16 11.28
N TYR A 79 -2.29 4.24 11.00
CA TYR A 79 -3.22 3.79 12.02
C TYR A 79 -2.48 3.02 13.10
N SER A 80 -1.52 2.20 12.66
CA SER A 80 -0.71 1.38 13.55
C SER A 80 0.08 2.23 14.53
N ARG A 81 0.52 3.41 14.08
CA ARG A 81 1.25 4.33 14.93
C ARG A 81 0.32 5.03 15.93
N LEU A 82 -0.91 5.29 15.50
CA LEU A 82 -1.91 5.89 16.38
C LEU A 82 -2.28 4.94 17.50
N ARG A 83 -2.19 3.64 17.24
CA ARG A 83 -2.49 2.63 18.25
C ARG A 83 -1.26 2.31 19.10
N GLN A 84 -0.23 3.13 18.93
CA GLN A 84 1.02 3.04 19.69
C GLN A 84 1.75 1.70 19.49
N TRP A 85 1.47 1.03 18.39
CA TRP A 85 2.22 -0.17 18.02
C TRP A 85 3.58 0.23 17.44
N ASN A 86 4.61 -0.54 17.78
CA ASN A 86 5.93 -0.31 17.20
C ASN A 86 5.89 -0.62 15.71
N THR A 87 5.91 0.42 14.88
CA THR A 87 5.66 0.25 13.46
C THR A 87 6.86 0.54 12.58
N LEU A 88 7.16 -0.40 11.70
CA LEU A 88 8.18 -0.20 10.68
C LEU A 88 7.58 -0.44 9.30
N TYR A 89 7.35 0.65 8.56
CA TYR A 89 6.81 0.58 7.22
C TYR A 89 7.95 0.79 6.23
N LEU A 90 8.21 -0.21 5.41
CA LEU A 90 9.30 -0.15 4.45
C LEU A 90 8.84 -0.47 3.04
N CYS A 91 9.52 0.14 2.07
CA CYS A 91 9.32 -0.16 0.67
C CYS A 91 10.61 0.21 -0.07
N GLY A 92 10.54 0.28 -1.39
CA GLY A 92 11.72 0.58 -2.18
C GLY A 92 11.53 0.13 -3.60
N THR A 93 12.52 0.38 -4.45
CA THR A 93 12.38 0.10 -5.87
C THR A 93 12.98 -1.25 -6.26
N ASP A 94 12.21 -2.00 -7.04
CA ASP A 94 12.65 -3.26 -7.66
C ASP A 94 13.38 -2.90 -8.95
N GLU A 95 14.69 -3.21 -9.01
CA GLU A 95 15.54 -2.62 -10.04
C GLU A 95 16.22 -3.60 -11.00
N TYR A 96 16.50 -4.82 -10.52
CA TYR A 96 17.17 -5.80 -11.36
C TYR A 96 16.23 -6.33 -12.45
N GLY A 97 16.79 -6.99 -13.46
CA GLY A 97 15.97 -7.62 -14.49
C GLY A 97 16.31 -7.27 -15.92
N THR A 98 15.87 -8.12 -16.84
CA THR A 98 16.10 -7.94 -18.27
C THR A 98 15.51 -6.62 -18.77
N ALA A 99 14.33 -6.28 -18.28
CA ALA A 99 13.63 -5.06 -18.70
C ALA A 99 14.46 -3.81 -18.40
N THR A 100 15.18 -3.84 -17.28
CA THR A 100 16.04 -2.72 -16.91
C THR A 100 17.20 -2.57 -17.89
N GLU A 101 17.73 -3.70 -18.36
CA GLU A 101 18.78 -3.67 -19.37
C GLU A 101 18.24 -3.17 -20.71
N THR A 102 17.03 -3.58 -21.05
CA THR A 102 16.41 -3.20 -22.31
C THR A 102 16.08 -1.71 -22.32
N LYS A 103 15.61 -1.19 -21.19
CA LYS A 103 15.21 0.20 -21.09
C LYS A 103 16.41 1.14 -20.96
N ALA A 104 17.47 0.65 -20.32
CA ALA A 104 18.69 1.45 -20.16
C ALA A 104 19.33 1.71 -21.52
N LEU A 105 19.47 0.64 -22.30
CA LEU A 105 20.00 0.72 -23.65
C LEU A 105 19.15 1.63 -24.53
N GLU A 106 17.84 1.53 -24.37
CA GLU A 106 16.90 2.37 -25.12
C GLU A 106 17.06 3.85 -24.75
N GLU A 107 17.44 4.10 -23.50
CA GLU A 107 17.61 5.48 -23.03
C GLU A 107 19.08 5.91 -23.11
N GLY A 108 19.91 5.07 -23.70
CA GLY A 108 21.33 5.37 -23.86
C GLY A 108 22.04 5.55 -22.54
N LEU A 109 21.66 4.76 -21.54
CA LEU A 109 22.23 4.84 -20.21
C LEU A 109 22.65 3.46 -19.71
N THR A 110 23.46 3.43 -18.65
CA THR A 110 23.80 2.17 -17.99
C THR A 110 22.65 1.79 -17.06
N PRO A 111 22.48 0.49 -16.78
CA PRO A 111 21.44 0.03 -15.86
C PRO A 111 21.45 0.78 -14.52
N GLN A 112 22.64 1.02 -13.98
CA GLN A 112 22.77 1.75 -12.72
C GLN A 112 22.29 3.18 -12.88
N GLU A 113 22.60 3.78 -14.04
CA GLU A 113 22.20 5.15 -14.32
C GLU A 113 20.68 5.30 -14.39
N ILE A 114 20.03 4.47 -15.19
CA ILE A 114 18.59 4.58 -15.38
C ILE A 114 17.84 4.24 -14.09
N CYS A 115 18.45 3.41 -13.24
CA CYS A 115 17.85 3.06 -11.97
C CYS A 115 17.92 4.21 -10.98
N ASP A 116 19.07 4.89 -10.93
CA ASP A 116 19.23 6.05 -10.07
C ASP A 116 18.25 7.15 -10.48
N LYS A 117 18.07 7.30 -11.78
CA LYS A 117 17.17 8.30 -12.33
C LYS A 117 15.72 8.07 -11.91
N TYR A 118 15.23 6.86 -12.13
CA TYR A 118 13.83 6.55 -11.90
C TYR A 118 13.51 6.28 -10.43
N HIS A 119 14.51 5.94 -9.65
CA HIS A 119 14.29 5.77 -8.21
C HIS A 119 13.92 7.11 -7.58
N ILE A 120 14.57 8.17 -8.06
CA ILE A 120 14.28 9.52 -7.60
C ILE A 120 12.87 9.92 -7.99
N ILE A 121 12.46 9.54 -9.18
CA ILE A 121 11.11 9.83 -9.66
C ILE A 121 10.07 9.16 -8.78
N HIS A 122 10.28 7.89 -8.45
CA HIS A 122 9.39 7.17 -7.54
C HIS A 122 9.31 7.85 -6.18
N ALA A 123 10.47 8.14 -5.60
CA ALA A 123 10.53 8.74 -4.27
C ALA A 123 9.83 10.09 -4.23
N ASP A 124 10.03 10.89 -5.28
CA ASP A 124 9.38 12.18 -5.41
C ASP A 124 7.86 12.04 -5.47
N ILE A 125 7.39 11.04 -6.22
CA ILE A 125 5.95 10.81 -6.35
C ILE A 125 5.34 10.42 -5.00
N TYR A 126 6.02 9.54 -4.28
CA TYR A 126 5.51 9.04 -3.01
C TYR A 126 5.61 10.07 -1.90
N ARG A 127 6.56 10.99 -2.02
CA ARG A 127 6.66 12.10 -1.09
C ARG A 127 5.48 13.06 -1.28
N TRP A 128 5.13 13.32 -2.52
CA TRP A 128 4.02 14.23 -2.82
C TRP A 128 2.69 13.64 -2.34
N PHE A 129 2.54 12.32 -2.48
CA PHE A 129 1.34 11.64 -2.01
C PHE A 129 1.38 11.40 -0.50
N ASN A 130 2.46 11.88 0.13
CA ASN A 130 2.62 11.81 1.59
C ASN A 130 2.65 10.37 2.12
N ILE A 131 3.40 9.51 1.45
CA ILE A 131 3.58 8.15 1.93
C ILE A 131 4.70 8.11 2.97
N SER A 132 4.34 7.78 4.20
CA SER A 132 5.26 7.87 5.31
C SER A 132 6.09 6.59 5.49
N PHE A 133 6.90 6.26 4.49
CA PHE A 133 7.88 5.20 4.65
C PHE A 133 8.83 5.51 5.79
N ASP A 134 9.17 4.50 6.58
CA ASP A 134 10.28 4.64 7.52
C ASP A 134 11.56 4.45 6.72
N ILE A 135 11.46 3.61 5.70
CA ILE A 135 12.54 3.42 4.72
C ILE A 135 11.97 3.27 3.32
N PHE A 136 12.63 3.91 2.35
CA PHE A 136 12.35 3.66 0.95
C PHE A 136 13.66 3.37 0.25
N GLY A 137 14.03 2.08 0.23
CA GLY A 137 15.35 1.68 -0.21
C GLY A 137 15.45 1.17 -1.63
N ARG A 138 16.47 0.35 -1.89
CA ARG A 138 16.76 -0.13 -3.23
C ARG A 138 17.27 -1.57 -3.20
N THR A 139 16.99 -2.32 -4.26
CA THR A 139 17.39 -3.72 -4.32
C THR A 139 18.80 -3.91 -4.89
N THR A 140 19.43 -2.82 -5.31
CA THR A 140 20.75 -2.89 -5.93
C THR A 140 21.86 -2.47 -4.95
N THR A 141 21.95 -3.17 -3.82
CA THR A 141 22.93 -2.84 -2.80
C THR A 141 23.77 -4.06 -2.43
N PRO A 142 24.99 -3.82 -1.93
CA PRO A 142 25.86 -4.90 -1.42
C PRO A 142 25.16 -5.79 -0.38
N GLN A 143 24.29 -5.21 0.42
CA GLN A 143 23.59 -5.95 1.47
C GLN A 143 22.55 -6.89 0.86
N GLN A 144 22.03 -6.54 -0.31
CA GLN A 144 21.13 -7.43 -1.03
C GLN A 144 21.86 -8.69 -1.46
N THR A 145 23.04 -8.50 -2.04
CA THR A 145 23.85 -9.61 -2.50
C THR A 145 24.25 -10.52 -1.34
N LYS A 146 24.61 -9.93 -0.21
CA LYS A 146 25.04 -10.70 0.95
C LYS A 146 23.91 -11.55 1.52
N ILE A 147 22.73 -10.96 1.69
CA ILE A 147 21.60 -11.66 2.29
C ILE A 147 21.03 -12.69 1.33
N THR A 148 20.97 -12.34 0.05
CA THR A 148 20.51 -13.27 -0.97
C THR A 148 21.39 -14.51 -1.03
N GLN A 149 22.70 -14.30 -0.98
CA GLN A 149 23.65 -15.40 -1.05
C GLN A 149 23.60 -16.28 0.20
N ASP A 150 23.41 -15.67 1.37
CA ASP A 150 23.27 -16.42 2.62
C ASP A 150 22.09 -17.39 2.55
N ILE A 151 20.91 -16.84 2.28
CA ILE A 151 19.70 -17.64 2.15
C ILE A 151 19.90 -18.76 1.12
N PHE A 152 20.57 -18.42 0.02
CA PHE A 152 20.91 -19.40 -1.00
C PHE A 152 21.80 -20.51 -0.43
N GLN A 153 22.81 -20.13 0.35
CA GLN A 153 23.72 -21.09 0.97
C GLN A 153 23.00 -22.02 1.94
N GLN A 154 22.09 -21.45 2.74
CA GLN A 154 21.32 -22.22 3.70
C GLN A 154 20.42 -23.24 3.00
N LEU A 155 19.97 -22.89 1.80
CA LEU A 155 19.12 -23.78 1.01
C LEU A 155 19.92 -24.83 0.26
N LEU A 156 21.12 -24.45 -0.19
CA LEU A 156 21.97 -25.34 -0.95
C LEU A 156 22.42 -26.54 -0.12
N LYS A 157 22.85 -26.27 1.12
CA LYS A 157 23.41 -27.31 1.97
C LYS A 157 22.34 -28.22 2.56
N ARG A 158 21.08 -27.80 2.48
CA ARG A 158 19.96 -28.59 2.98
C ARG A 158 19.26 -29.33 1.85
N GLY A 159 19.85 -29.28 0.66
CA GLY A 159 19.36 -30.02 -0.48
C GLY A 159 18.03 -29.52 -1.03
N PHE A 160 17.90 -28.20 -1.19
CA PHE A 160 16.69 -27.63 -1.77
C PHE A 160 17.00 -26.95 -3.09
N VAL A 161 18.24 -27.09 -3.56
CA VAL A 161 18.65 -26.50 -4.83
C VAL A 161 19.09 -27.57 -5.83
N LEU A 162 18.42 -27.62 -6.97
CA LEU A 162 18.79 -28.53 -8.04
C LEU A 162 19.68 -27.83 -9.07
N GLN A 163 20.48 -28.61 -9.79
CA GLN A 163 21.29 -28.07 -10.87
C GLN A 163 21.21 -28.95 -12.10
N ASP A 164 20.77 -28.36 -13.21
CA ASP A 164 20.63 -29.10 -14.45
C ASP A 164 21.09 -28.22 -15.63
N THR A 165 21.18 -28.82 -16.80
CA THR A 165 21.55 -28.08 -17.99
C THR A 165 20.34 -27.86 -18.89
N VAL A 166 20.33 -26.77 -19.64
CA VAL A 166 19.23 -26.44 -20.53
C VAL A 166 19.72 -26.14 -21.95
N GLU A 167 19.17 -26.84 -22.93
CA GLU A 167 19.48 -26.56 -24.33
C GLU A 167 18.80 -25.27 -24.78
N GLN A 168 19.60 -24.25 -25.06
CA GLN A 168 19.06 -22.95 -25.44
C GLN A 168 19.69 -22.44 -26.74
N LEU A 169 18.85 -21.90 -27.62
CA LEU A 169 19.36 -21.27 -28.84
C LEU A 169 20.12 -20.00 -28.49
N ARG A 170 21.37 -19.92 -28.93
CA ARG A 170 22.18 -18.74 -28.69
C ARG A 170 22.68 -18.13 -29.99
N CYS A 171 22.42 -16.83 -30.16
CA CYS A 171 22.96 -16.08 -31.28
C CYS A 171 24.37 -15.59 -30.96
N GLU A 172 25.35 -16.12 -31.69
CA GLU A 172 26.74 -15.80 -31.43
C GLU A 172 27.11 -14.39 -31.88
N HIS A 173 26.28 -13.81 -32.74
CA HIS A 173 26.52 -12.45 -33.20
C HIS A 173 26.00 -11.44 -32.17
N CYS A 174 24.79 -11.66 -31.68
CA CYS A 174 24.22 -10.82 -30.64
C CYS A 174 24.84 -11.13 -29.28
N ALA A 175 25.52 -12.27 -29.20
CA ALA A 175 26.14 -12.75 -27.97
C ALA A 175 25.14 -12.82 -26.82
N ARG A 176 24.06 -13.57 -27.03
CA ARG A 176 23.03 -13.73 -26.03
C ARG A 176 22.15 -14.95 -26.31
N PHE A 177 21.47 -15.44 -25.28
CA PHE A 177 20.50 -16.50 -25.46
C PHE A 177 19.17 -15.89 -25.93
N LEU A 178 18.48 -16.60 -26.81
CA LEU A 178 17.31 -16.05 -27.47
C LEU A 178 15.99 -16.48 -26.83
N ALA A 179 15.07 -15.53 -26.71
CA ALA A 179 13.72 -15.85 -26.27
C ALA A 179 12.92 -16.41 -27.43
N ASP A 180 11.83 -17.11 -27.13
CA ASP A 180 11.01 -17.72 -28.16
C ASP A 180 10.43 -16.69 -29.14
N ARG A 181 10.34 -15.45 -28.70
CA ARG A 181 9.77 -14.38 -29.52
C ARG A 181 10.82 -13.69 -30.38
N PHE A 182 12.09 -14.05 -30.18
CA PHE A 182 13.18 -13.46 -30.95
C PHE A 182 13.75 -14.44 -31.97
N VAL A 183 13.14 -15.63 -32.06
CA VAL A 183 13.64 -16.65 -32.96
C VAL A 183 12.60 -17.05 -34.00
N GLU A 184 13.04 -17.08 -35.26
CA GLU A 184 12.22 -17.52 -36.37
C GLU A 184 12.76 -18.85 -36.88
N GLY A 185 11.99 -19.56 -37.69
CA GLY A 185 12.44 -20.82 -38.25
C GLY A 185 11.36 -21.57 -39.00
N VAL A 186 11.72 -22.68 -39.63
CA VAL A 186 10.76 -23.47 -40.39
C VAL A 186 10.24 -24.65 -39.54
N CYS A 187 8.92 -24.85 -39.61
CA CYS A 187 8.23 -25.83 -38.76
C CYS A 187 8.58 -27.27 -39.10
N PRO A 188 8.99 -28.04 -38.08
CA PRO A 188 9.33 -29.46 -38.25
C PRO A 188 8.09 -30.35 -38.37
N PHE A 189 6.90 -29.76 -38.29
CA PHE A 189 5.66 -30.53 -38.37
C PHE A 189 4.91 -30.32 -39.69
N CYS A 190 4.93 -29.09 -40.21
CA CYS A 190 4.21 -28.81 -41.44
C CYS A 190 5.06 -28.11 -42.51
N GLY A 191 6.24 -27.64 -42.12
CA GLY A 191 7.15 -27.01 -43.07
C GLY A 191 6.98 -25.51 -43.24
N TYR A 192 6.10 -24.91 -42.43
CA TYR A 192 5.89 -23.46 -42.47
C TYR A 192 7.20 -22.73 -42.20
N GLU A 193 7.68 -21.99 -43.21
CA GLU A 193 9.03 -21.43 -43.19
C GLU A 193 9.23 -20.26 -42.24
N GLU A 194 8.16 -19.73 -41.68
CA GLU A 194 8.30 -18.59 -40.78
C GLU A 194 7.58 -18.81 -39.45
N ALA A 195 7.91 -19.93 -38.81
CA ALA A 195 7.35 -20.27 -37.52
C ALA A 195 8.11 -19.56 -36.39
N ARG A 196 7.44 -19.36 -35.26
CA ARG A 196 8.08 -18.78 -34.09
C ARG A 196 8.64 -19.89 -33.21
N GLY A 197 9.48 -19.51 -32.25
CA GLY A 197 10.09 -20.49 -31.37
C GLY A 197 9.12 -21.10 -30.38
N ASP A 198 7.97 -20.45 -30.21
CA ASP A 198 6.98 -20.89 -29.23
C ASP A 198 5.82 -21.64 -29.88
N GLN A 199 5.55 -21.31 -31.15
CA GLN A 199 4.39 -21.87 -31.85
C GLN A 199 4.46 -21.65 -33.35
N CYS A 200 3.92 -22.62 -34.10
CA CYS A 200 3.71 -22.45 -35.52
C CYS A 200 2.28 -22.01 -35.78
N ASP A 201 2.10 -20.79 -36.28
CA ASP A 201 0.76 -20.24 -36.51
C ASP A 201 0.04 -20.93 -37.66
N LYS A 202 0.76 -21.74 -38.42
CA LYS A 202 0.19 -22.35 -39.61
C LYS A 202 -0.51 -23.67 -39.28
N CYS A 203 0.14 -24.53 -38.50
CA CYS A 203 -0.46 -25.80 -38.11
C CYS A 203 -0.87 -25.79 -36.64
N GLY A 204 -0.57 -24.69 -35.94
CA GLY A 204 -1.01 -24.49 -34.58
C GLY A 204 -0.14 -25.12 -33.51
N LYS A 205 0.81 -25.97 -33.93
CA LYS A 205 1.60 -26.76 -33.01
C LYS A 205 2.42 -25.94 -32.02
N LEU A 206 2.22 -26.20 -30.73
CA LEU A 206 3.08 -25.64 -29.69
C LEU A 206 4.42 -26.36 -29.68
N ILE A 207 5.50 -25.62 -29.92
CA ILE A 207 6.82 -26.22 -30.03
C ILE A 207 7.84 -25.58 -29.10
N ASN A 208 8.96 -26.27 -28.93
CA ASN A 208 10.12 -25.68 -28.30
C ASN A 208 11.05 -25.15 -29.39
N ALA A 209 11.60 -23.96 -29.18
CA ALA A 209 12.40 -23.26 -30.19
C ALA A 209 13.53 -24.11 -30.78
N VAL A 210 14.08 -25.01 -29.97
CA VAL A 210 15.17 -25.86 -30.41
C VAL A 210 14.74 -26.88 -31.47
N GLU A 211 13.44 -27.16 -31.54
CA GLU A 211 12.91 -28.12 -32.50
C GLU A 211 12.87 -27.52 -33.91
N LEU A 212 12.98 -26.20 -33.99
CA LEU A 212 12.94 -25.48 -35.26
C LEU A 212 14.06 -25.87 -36.21
N LYS A 213 13.72 -26.06 -37.47
CA LYS A 213 14.73 -26.21 -38.51
C LYS A 213 15.14 -24.82 -38.99
N LYS A 214 16.40 -24.69 -39.41
CA LYS A 214 16.94 -23.41 -39.90
C LYS A 214 16.56 -22.20 -39.06
N PRO A 215 16.94 -22.20 -37.77
CA PRO A 215 16.54 -21.09 -36.91
C PRO A 215 17.22 -19.77 -37.25
N GLN A 216 16.51 -18.67 -37.05
CA GLN A 216 17.04 -17.33 -37.27
C GLN A 216 16.83 -16.42 -36.07
N CYS A 217 17.81 -15.57 -35.78
CA CYS A 217 17.64 -14.52 -34.79
C CYS A 217 16.97 -13.32 -35.45
N LYS A 218 15.72 -13.03 -35.08
CA LYS A 218 14.95 -11.98 -35.75
C LYS A 218 15.57 -10.58 -35.62
N VAL A 219 16.65 -10.46 -34.86
CA VAL A 219 17.33 -9.18 -34.70
C VAL A 219 18.40 -8.96 -35.77
N CYS A 220 19.32 -9.90 -35.90
CA CYS A 220 20.43 -9.77 -36.84
C CYS A 220 20.33 -10.77 -37.98
N ARG A 221 19.31 -11.62 -37.94
CA ARG A 221 19.05 -12.61 -38.99
C ARG A 221 20.17 -13.64 -39.15
N SER A 222 20.98 -13.83 -38.11
CA SER A 222 22.02 -14.85 -38.16
C SER A 222 21.48 -16.21 -37.72
N CYS A 223 22.34 -17.22 -37.71
CA CYS A 223 21.93 -18.56 -37.34
C CYS A 223 22.35 -18.91 -35.92
N PRO A 224 21.36 -19.00 -35.01
CA PRO A 224 21.62 -19.41 -33.62
C PRO A 224 22.07 -20.86 -33.54
N VAL A 225 22.89 -21.17 -32.54
CA VAL A 225 23.34 -22.53 -32.31
C VAL A 225 22.83 -23.00 -30.96
N VAL A 226 22.44 -24.28 -30.87
CA VAL A 226 21.97 -24.84 -29.62
C VAL A 226 23.10 -24.99 -28.62
N GLN A 227 22.93 -24.44 -27.43
CA GLN A 227 23.93 -24.55 -26.38
C GLN A 227 23.31 -24.97 -25.04
N SER A 228 23.97 -25.91 -24.37
CA SER A 228 23.55 -26.31 -23.03
C SER A 228 24.15 -25.37 -21.99
N SER A 229 23.29 -24.65 -21.28
CA SER A 229 23.74 -23.76 -20.22
C SER A 229 23.31 -24.30 -18.86
N GLN A 230 24.10 -24.00 -17.84
CA GLN A 230 23.84 -24.49 -16.49
C GLN A 230 22.82 -23.60 -15.79
N HIS A 231 21.95 -24.20 -14.98
CA HIS A 231 20.96 -23.42 -14.25
C HIS A 231 20.64 -24.03 -12.88
N LEU A 232 20.28 -23.18 -11.94
CA LEU A 232 19.89 -23.62 -10.61
C LEU A 232 18.37 -23.58 -10.44
N PHE A 233 17.85 -24.47 -9.59
CA PHE A 233 16.42 -24.59 -9.39
C PHE A 233 16.08 -24.70 -7.91
N LEU A 234 14.95 -24.11 -7.52
CA LEU A 234 14.45 -24.25 -6.16
C LEU A 234 13.46 -25.40 -6.11
N ASP A 235 13.77 -26.42 -5.31
CA ASP A 235 12.93 -27.61 -5.28
C ASP A 235 11.74 -27.41 -4.36
N LEU A 236 10.75 -26.69 -4.84
CA LEU A 236 9.51 -26.45 -4.13
C LEU A 236 8.72 -27.72 -3.75
N PRO A 237 8.74 -28.77 -4.59
CA PRO A 237 8.08 -30.00 -4.15
C PRO A 237 8.56 -30.53 -2.80
N LYS A 238 9.86 -30.39 -2.52
CA LYS A 238 10.43 -30.87 -1.26
C LYS A 238 10.10 -29.91 -0.12
N LEU A 239 9.73 -28.69 -0.47
CA LEU A 239 9.41 -27.66 0.52
C LEU A 239 7.91 -27.52 0.72
N GLU A 240 7.15 -28.18 -0.14
CA GLU A 240 5.70 -28.04 -0.15
C GLU A 240 5.06 -28.47 1.16
N LYS A 241 5.61 -29.52 1.76
CA LYS A 241 5.07 -30.06 3.00
C LYS A 241 5.13 -29.03 4.12
N ARG A 242 6.32 -28.49 4.37
CA ARG A 242 6.51 -27.53 5.46
C ARG A 242 5.81 -26.20 5.20
N LEU A 243 5.56 -25.90 3.93
CA LEU A 243 4.85 -24.68 3.55
C LEU A 243 3.38 -24.77 3.96
N GLU A 244 2.78 -25.92 3.68
CA GLU A 244 1.37 -26.15 4.00
C GLU A 244 1.15 -26.26 5.51
N GLU A 245 2.18 -26.71 6.22
CA GLU A 245 2.11 -26.76 7.68
C GLU A 245 2.05 -25.35 8.25
N TRP A 246 2.87 -24.45 7.70
CA TRP A 246 2.86 -23.05 8.11
C TRP A 246 1.56 -22.36 7.71
N LEU A 247 1.12 -22.58 6.48
CA LEU A 247 -0.14 -22.03 5.99
C LEU A 247 -1.32 -22.52 6.81
N GLY A 248 -1.33 -23.82 7.12
CA GLY A 248 -2.39 -24.40 7.92
C GLY A 248 -2.40 -23.84 9.34
N ARG A 249 -1.24 -23.36 9.77
CA ARG A 249 -1.09 -22.78 11.10
C ARG A 249 -1.48 -21.30 11.17
N THR A 250 -1.37 -20.59 10.05
CA THR A 250 -1.47 -19.14 10.09
C THR A 250 -2.66 -18.55 9.32
N LEU A 251 -3.12 -19.24 8.28
CA LEU A 251 -4.25 -18.76 7.49
C LEU A 251 -5.56 -18.59 8.27
N PRO A 252 -5.98 -19.60 9.05
CA PRO A 252 -7.30 -19.45 9.68
C PRO A 252 -7.30 -18.38 10.77
N GLY A 253 -8.33 -17.54 10.77
CA GLY A 253 -8.44 -16.47 11.75
C GLY A 253 -7.58 -15.27 11.42
N SER A 254 -6.85 -15.35 10.31
CA SER A 254 -6.01 -14.24 9.88
C SER A 254 -6.82 -13.24 9.07
N ASP A 255 -6.12 -12.23 8.54
CA ASP A 255 -6.78 -11.22 7.72
C ASP A 255 -6.16 -11.15 6.34
N TRP A 256 -5.59 -12.27 5.90
CA TRP A 256 -5.31 -12.50 4.49
C TRP A 256 -6.58 -12.19 3.71
N THR A 257 -6.47 -11.37 2.67
CA THR A 257 -7.63 -11.08 1.84
C THR A 257 -8.08 -12.38 1.16
N PRO A 258 -9.40 -12.57 1.01
CA PRO A 258 -9.97 -13.77 0.42
C PRO A 258 -9.36 -14.16 -0.92
N ASN A 259 -9.13 -13.18 -1.80
CA ASN A 259 -8.53 -13.47 -3.09
C ASN A 259 -7.13 -14.06 -2.95
N ALA A 260 -6.35 -13.53 -2.01
CA ALA A 260 -5.00 -14.02 -1.77
C ALA A 260 -5.00 -15.46 -1.27
N GLN A 261 -5.94 -15.79 -0.38
CA GLN A 261 -6.06 -17.14 0.14
C GLN A 261 -6.43 -18.13 -0.95
N PHE A 262 -7.42 -17.76 -1.76
CA PHE A 262 -7.88 -18.62 -2.85
C PHE A 262 -6.75 -18.92 -3.83
N ILE A 263 -6.05 -17.87 -4.25
CA ILE A 263 -4.94 -18.00 -5.20
C ILE A 263 -3.88 -18.96 -4.65
N THR A 264 -3.54 -18.77 -3.39
CA THR A 264 -2.52 -19.59 -2.72
C THR A 264 -2.90 -21.07 -2.68
N ARG A 265 -4.12 -21.36 -2.22
CA ARG A 265 -4.60 -22.73 -2.15
C ARG A 265 -4.77 -23.31 -3.54
N SER A 266 -5.02 -22.45 -4.52
CA SER A 266 -5.21 -22.88 -5.90
C SER A 266 -3.92 -23.39 -6.50
N TRP A 267 -2.83 -22.69 -6.23
CA TRP A 267 -1.50 -23.07 -6.73
C TRP A 267 -1.06 -24.39 -6.11
N LEU A 268 -1.37 -24.58 -4.84
CA LEU A 268 -1.02 -25.81 -4.12
C LEU A 268 -1.83 -27.00 -4.61
N ARG A 269 -3.07 -26.73 -5.04
CA ARG A 269 -3.94 -27.79 -5.54
C ARG A 269 -3.36 -28.39 -6.82
N ASP A 270 -2.72 -27.55 -7.64
CA ASP A 270 -2.02 -28.03 -8.82
C ASP A 270 -0.76 -28.80 -8.42
N GLY A 271 -0.10 -28.35 -7.37
CA GLY A 271 1.15 -28.93 -6.94
C GLY A 271 2.29 -28.02 -7.34
N LEU A 272 3.27 -27.85 -6.46
CA LEU A 272 4.38 -26.95 -6.74
C LEU A 272 5.45 -27.63 -7.59
N LYS A 273 6.02 -26.87 -8.51
CA LYS A 273 7.03 -27.38 -9.45
C LYS A 273 8.38 -26.75 -9.14
N PRO A 274 9.47 -27.42 -9.57
CA PRO A 274 10.80 -26.80 -9.42
C PRO A 274 10.92 -25.52 -10.26
N ARG A 275 11.35 -24.43 -9.63
CA ARG A 275 11.44 -23.14 -10.30
C ARG A 275 12.89 -22.74 -10.56
N CYS A 276 13.18 -22.34 -11.79
CA CYS A 276 14.52 -21.86 -12.13
C CYS A 276 14.80 -20.51 -11.50
N ILE A 277 15.86 -20.43 -10.69
CA ILE A 277 16.18 -19.19 -9.97
C ILE A 277 17.46 -18.53 -10.46
N THR A 278 17.85 -18.83 -11.69
CA THR A 278 19.02 -18.20 -12.29
C THR A 278 18.70 -17.70 -13.70
N ARG A 279 19.37 -16.63 -14.11
CA ARG A 279 19.17 -16.06 -15.44
C ARG A 279 20.50 -15.72 -16.11
N ASP A 280 20.53 -15.79 -17.43
CA ASP A 280 21.72 -15.44 -18.21
C ASP A 280 21.80 -13.93 -18.41
N LEU A 281 22.19 -13.22 -17.36
CA LEU A 281 22.20 -11.75 -17.39
C LEU A 281 23.43 -11.18 -16.70
N LYS A 282 23.61 -9.87 -16.84
CA LYS A 282 24.69 -9.17 -16.17
C LYS A 282 24.16 -8.32 -15.03
N TRP A 283 22.93 -7.82 -15.20
CA TRP A 283 22.29 -6.95 -14.20
C TRP A 283 21.43 -7.77 -13.24
N GLY A 284 22.03 -8.18 -12.13
CA GLY A 284 21.35 -8.99 -11.13
C GLY A 284 22.32 -9.41 -10.04
N THR A 285 21.77 -9.93 -8.94
CA THR A 285 22.59 -10.41 -7.84
C THR A 285 23.40 -11.63 -8.29
N PRO A 286 24.72 -11.56 -8.13
CA PRO A 286 25.63 -12.61 -8.61
C PRO A 286 25.46 -13.92 -7.86
N VAL A 287 25.64 -15.04 -8.56
CA VAL A 287 25.55 -16.35 -7.95
C VAL A 287 26.93 -16.84 -7.52
N PRO A 288 27.09 -17.16 -6.25
CA PRO A 288 28.36 -17.60 -5.69
C PRO A 288 28.67 -19.07 -5.93
N LEU A 289 28.76 -19.47 -7.18
CA LEU A 289 28.98 -20.84 -7.50
C LEU A 289 29.75 -21.10 -8.77
N GLU A 290 30.57 -22.12 -8.71
CA GLU A 290 31.42 -22.54 -9.82
C GLU A 290 30.73 -22.64 -11.16
N GLY A 291 31.16 -21.81 -12.09
CA GLY A 291 30.59 -21.83 -13.41
C GLY A 291 29.38 -20.98 -13.63
N PHE A 292 29.17 -19.98 -12.81
CA PHE A 292 28.01 -19.10 -12.93
C PHE A 292 28.48 -17.68 -12.92
N GLU A 293 29.70 -17.47 -13.35
CA GLU A 293 30.34 -16.16 -13.34
C GLU A 293 29.67 -15.17 -14.30
N ASP A 294 28.84 -15.69 -15.20
CA ASP A 294 28.10 -14.84 -16.13
C ASP A 294 26.62 -15.16 -16.08
N LYS A 295 26.13 -15.48 -14.88
CA LYS A 295 24.72 -15.68 -14.62
C LYS A 295 24.35 -14.99 -13.31
N VAL A 296 23.09 -14.59 -13.19
CA VAL A 296 22.62 -13.97 -11.96
C VAL A 296 21.37 -14.65 -11.45
N PHE A 297 20.99 -14.35 -10.21
CA PHE A 297 19.73 -14.86 -9.67
C PHE A 297 18.56 -14.24 -10.40
N TYR A 298 17.51 -15.03 -10.60
CA TYR A 298 16.28 -14.55 -11.21
C TYR A 298 15.64 -13.52 -10.28
N VAL A 299 15.19 -12.41 -10.85
CA VAL A 299 14.68 -11.28 -10.08
C VAL A 299 13.64 -11.66 -9.03
N TRP A 300 12.67 -12.47 -9.43
CA TRP A 300 11.57 -12.80 -8.54
C TRP A 300 11.95 -13.84 -7.49
N PHE A 301 13.17 -14.35 -7.55
CA PHE A 301 13.68 -15.20 -6.49
C PHE A 301 14.21 -14.36 -5.33
N ASP A 302 14.84 -13.23 -5.66
CA ASP A 302 15.47 -12.40 -4.64
C ASP A 302 14.84 -11.01 -4.50
N ALA A 303 13.80 -10.73 -5.29
CA ALA A 303 13.09 -9.46 -5.15
C ALA A 303 12.45 -9.37 -3.77
N THR A 304 11.90 -10.49 -3.32
CA THR A 304 11.24 -10.56 -2.02
C THR A 304 12.27 -10.52 -0.89
N ILE A 305 13.52 -10.85 -1.22
CA ILE A 305 14.63 -10.74 -0.27
C ILE A 305 14.99 -9.26 -0.09
N GLY A 306 14.61 -8.45 -1.09
CA GLY A 306 14.78 -7.02 -1.02
C GLY A 306 14.19 -6.39 0.23
N TYR A 307 13.05 -6.91 0.68
CA TYR A 307 12.44 -6.46 1.94
C TYR A 307 13.44 -6.49 3.08
N LEU A 308 14.22 -7.57 3.13
CA LEU A 308 15.18 -7.77 4.21
C LEU A 308 16.40 -6.86 4.05
N SER A 309 16.91 -6.77 2.83
CA SER A 309 18.11 -5.99 2.56
C SER A 309 17.86 -4.49 2.70
N ILE A 310 16.63 -4.07 2.42
CA ILE A 310 16.26 -2.68 2.59
C ILE A 310 16.24 -2.35 4.08
N THR A 311 15.74 -3.27 4.88
CA THR A 311 15.71 -3.10 6.33
C THR A 311 17.13 -3.08 6.90
N ALA A 312 18.02 -3.83 6.26
CA ALA A 312 19.40 -3.96 6.74
C ALA A 312 20.24 -2.72 6.43
N ASN A 313 19.96 -2.07 5.30
CA ASN A 313 20.62 -0.81 4.98
C ASN A 313 20.14 0.29 5.93
N TYR A 314 19.00 0.03 6.56
CA TYR A 314 18.39 0.95 7.51
C TYR A 314 18.88 0.73 8.93
N THR A 315 19.16 -0.52 9.29
CA THR A 315 19.63 -0.83 10.64
C THR A 315 20.46 -2.10 10.74
N ASP A 316 21.39 -2.08 11.69
CA ASP A 316 22.22 -3.23 12.03
C ASP A 316 21.36 -4.36 12.56
N GLN A 317 20.35 -4.00 13.34
CA GLN A 317 19.52 -4.96 14.04
C GLN A 317 18.29 -5.37 13.23
N TRP A 318 18.50 -5.56 11.93
CA TRP A 318 17.38 -5.88 11.03
C TRP A 318 16.85 -7.29 11.26
N GLU A 319 17.65 -8.14 11.88
CA GLU A 319 17.24 -9.52 12.14
C GLU A 319 16.28 -9.60 13.32
N ARG A 320 16.21 -8.53 14.09
CA ARG A 320 15.24 -8.44 15.18
C ARG A 320 13.83 -8.25 14.61
N TRP A 321 13.75 -7.83 13.36
CA TRP A 321 12.48 -7.71 12.67
C TRP A 321 12.19 -8.95 11.83
N TRP A 322 13.19 -9.39 11.06
CA TRP A 322 12.98 -10.39 10.03
C TRP A 322 13.34 -11.82 10.44
N LYS A 323 13.88 -11.97 11.64
CA LYS A 323 14.15 -13.29 12.19
C LYS A 323 13.61 -13.38 13.61
N ASN A 324 12.39 -12.91 13.79
CA ASN A 324 11.74 -12.87 15.11
C ASN A 324 10.23 -13.00 14.99
N PRO A 325 9.75 -14.19 14.58
CA PRO A 325 8.31 -14.38 14.33
C PRO A 325 7.45 -14.34 15.59
N GLU A 326 8.07 -14.50 16.76
CA GLU A 326 7.30 -14.56 18.00
C GLU A 326 6.88 -13.18 18.48
N GLN A 327 7.61 -12.14 18.09
CA GLN A 327 7.32 -10.79 18.53
C GLN A 327 6.78 -9.91 17.41
N VAL A 328 6.94 -10.36 16.17
CA VAL A 328 6.61 -9.52 15.02
C VAL A 328 5.45 -10.05 14.19
N ASP A 329 4.45 -9.19 13.96
CA ASP A 329 3.36 -9.50 13.05
C ASP A 329 3.57 -8.78 11.72
N LEU A 330 3.82 -9.54 10.67
CA LEU A 330 4.12 -8.96 9.36
C LEU A 330 2.87 -8.76 8.50
N TYR A 331 2.72 -7.55 7.98
CA TYR A 331 1.66 -7.22 7.04
C TYR A 331 2.27 -6.91 5.68
N GLN A 332 1.82 -7.62 4.65
CA GLN A 332 2.34 -7.39 3.31
C GLN A 332 1.26 -6.91 2.35
N PHE A 333 1.46 -5.73 1.79
CA PHE A 333 0.51 -5.13 0.85
C PHE A 333 1.01 -5.27 -0.58
N MET A 334 0.15 -5.78 -1.46
CA MET A 334 0.55 -6.00 -2.85
C MET A 334 -0.64 -6.12 -3.78
N ALA A 335 -0.37 -6.25 -5.06
CA ALA A 335 -1.39 -6.54 -6.05
C ALA A 335 -1.51 -8.04 -6.23
N LYS A 336 -2.66 -8.48 -6.73
CA LYS A 336 -2.97 -9.89 -6.94
C LYS A 336 -1.83 -10.71 -7.54
N ASP A 337 -1.22 -10.18 -8.59
CA ASP A 337 -0.17 -10.88 -9.33
C ASP A 337 1.08 -11.17 -8.49
N ASN A 338 1.23 -10.48 -7.37
CA ASN A 338 2.40 -10.63 -6.52
C ASN A 338 2.24 -11.73 -5.46
N VAL A 339 0.99 -12.12 -5.21
CA VAL A 339 0.68 -13.11 -4.17
C VAL A 339 1.52 -14.40 -4.21
N PRO A 340 1.63 -15.07 -5.38
CA PRO A 340 2.34 -16.36 -5.37
C PRO A 340 3.79 -16.26 -4.89
N PHE A 341 4.42 -15.11 -5.06
CA PHE A 341 5.80 -14.96 -4.64
C PHE A 341 5.91 -14.69 -3.15
N HIS A 342 4.84 -14.15 -2.57
CA HIS A 342 4.83 -13.78 -1.16
C HIS A 342 4.19 -14.87 -0.29
N SER A 343 3.36 -15.71 -0.89
CA SER A 343 2.67 -16.76 -0.15
C SER A 343 3.30 -18.14 -0.36
N LEU A 344 4.06 -18.29 -1.44
CA LEU A 344 4.68 -19.57 -1.75
C LEU A 344 6.20 -19.47 -1.84
N VAL A 345 6.68 -18.71 -2.82
CA VAL A 345 8.10 -18.69 -3.18
C VAL A 345 9.01 -18.30 -2.01
N PHE A 346 8.80 -17.11 -1.46
CA PHE A 346 9.64 -16.67 -0.34
C PHE A 346 9.44 -17.50 0.94
N PRO A 347 8.18 -17.86 1.28
CA PRO A 347 8.06 -18.74 2.45
C PRO A 347 8.83 -20.06 2.30
N CYS A 348 8.76 -20.67 1.12
CA CYS A 348 9.52 -21.89 0.87
C CYS A 348 11.03 -21.66 1.02
N SER A 349 11.51 -20.56 0.47
CA SER A 349 12.91 -20.22 0.54
C SER A 349 13.35 -19.97 1.99
N ALA A 350 12.50 -19.27 2.73
CA ALA A 350 12.79 -18.94 4.11
C ALA A 350 12.70 -20.16 5.02
N LEU A 351 11.66 -20.96 4.82
CA LEU A 351 11.44 -22.16 5.62
C LEU A 351 12.51 -23.20 5.33
N GLY A 352 12.93 -23.28 4.07
CA GLY A 352 13.98 -24.21 3.68
C GLY A 352 15.34 -23.77 4.14
N ALA A 353 15.46 -22.49 4.50
CA ALA A 353 16.70 -21.93 5.00
C ALA A 353 16.85 -22.24 6.48
N GLU A 354 15.71 -22.41 7.15
CA GLU A 354 15.67 -22.77 8.57
C GLU A 354 16.52 -21.82 9.41
N ASP A 355 16.14 -20.54 9.41
CA ASP A 355 16.88 -19.52 10.13
C ASP A 355 15.93 -18.69 10.99
N ASN A 356 14.80 -19.31 11.37
CA ASN A 356 13.80 -18.67 12.21
C ASN A 356 13.29 -17.35 11.64
N TYR A 357 12.79 -17.40 10.40
CA TYR A 357 12.36 -16.19 9.71
C TYR A 357 10.97 -15.71 10.11
N THR A 358 10.79 -14.40 10.16
CA THR A 358 9.47 -13.81 10.28
C THR A 358 8.76 -13.97 8.94
N LEU A 359 7.67 -14.73 8.94
CA LEU A 359 6.86 -14.89 7.74
C LEU A 359 5.61 -14.03 7.85
N VAL A 360 4.98 -13.75 6.72
CA VAL A 360 3.81 -12.88 6.69
C VAL A 360 2.65 -13.48 7.49
N SER A 361 2.00 -12.64 8.31
CA SER A 361 0.85 -13.06 9.08
C SER A 361 -0.46 -12.70 8.38
N HIS A 362 -0.49 -11.52 7.75
CA HIS A 362 -1.66 -11.07 7.01
C HIS A 362 -1.26 -10.50 5.64
N LEU A 363 -1.57 -11.23 4.58
CA LEU A 363 -1.30 -10.77 3.23
C LEU A 363 -2.50 -9.97 2.71
N ILE A 364 -2.24 -8.72 2.33
CA ILE A 364 -3.29 -7.84 1.84
C ILE A 364 -3.12 -7.60 0.34
N ALA A 365 -3.94 -8.28 -0.46
CA ALA A 365 -3.88 -8.16 -1.91
C ALA A 365 -5.18 -7.60 -2.47
N THR A 366 -5.09 -6.49 -3.18
CA THR A 366 -6.27 -5.83 -3.74
C THR A 366 -6.54 -6.27 -5.17
N GLU A 367 -7.77 -6.11 -5.62
CA GLU A 367 -8.09 -6.23 -7.03
C GLU A 367 -7.52 -5.01 -7.78
N TYR A 368 -7.85 -4.88 -9.07
CA TYR A 368 -7.25 -3.82 -9.87
C TYR A 368 -8.15 -2.60 -10.01
N LEU A 369 -7.52 -1.44 -10.05
CA LEU A 369 -8.22 -0.18 -10.30
C LEU A 369 -8.20 0.15 -11.79
N ASN A 370 -9.38 0.16 -12.40
CA ASN A 370 -9.51 0.55 -13.80
C ASN A 370 -9.51 2.06 -13.93
N TYR A 371 -9.03 2.56 -15.06
CA TYR A 371 -9.20 3.98 -15.36
C TYR A 371 -10.39 4.15 -16.29
N GLU A 372 -11.44 4.79 -15.76
CA GLU A 372 -12.69 4.96 -16.49
C GLU A 372 -13.21 3.61 -17.01
N ASP A 373 -13.39 3.51 -18.32
CA ASP A 373 -13.95 2.31 -18.93
C ASP A 373 -12.87 1.35 -19.43
N GLY A 374 -11.61 1.70 -19.20
CA GLY A 374 -10.50 0.90 -19.66
C GLY A 374 -9.39 0.78 -18.64
N LYS A 375 -8.15 0.79 -19.12
CA LYS A 375 -7.00 0.66 -18.23
C LYS A 375 -5.98 1.77 -18.46
N PHE A 376 -5.14 2.01 -17.45
CA PHE A 376 -4.04 2.95 -17.57
C PHE A 376 -3.10 2.51 -18.69
N SER A 377 -2.64 3.47 -19.48
CA SER A 377 -1.70 3.18 -20.55
C SER A 377 -0.84 4.40 -20.86
N LYS A 378 0.44 4.32 -20.50
CA LYS A 378 1.39 5.38 -20.83
C LYS A 378 1.56 5.43 -22.35
N SER A 379 1.50 4.26 -22.97
CA SER A 379 1.63 4.11 -24.41
C SER A 379 0.63 4.97 -25.17
N ARG A 380 -0.64 4.90 -24.77
CA ARG A 380 -1.71 5.59 -25.48
C ARG A 380 -2.11 6.90 -24.79
N GLY A 381 -1.38 7.26 -23.73
CA GLY A 381 -1.65 8.49 -23.01
C GLY A 381 -2.97 8.47 -22.25
N VAL A 382 -3.37 7.29 -21.80
CA VAL A 382 -4.62 7.13 -21.06
C VAL A 382 -4.38 6.95 -19.57
N GLY A 383 -5.03 7.78 -18.76
CA GLY A 383 -4.97 7.63 -17.33
C GLY A 383 -4.06 8.62 -16.62
N VAL A 384 -4.25 8.75 -15.31
CA VAL A 384 -3.44 9.65 -14.50
C VAL A 384 -2.27 8.92 -13.86
N PHE A 385 -1.06 9.35 -14.20
CA PHE A 385 0.14 8.77 -13.60
C PHE A 385 0.65 9.64 -12.47
N GLY A 386 1.47 9.06 -11.60
CA GLY A 386 1.89 9.71 -10.37
C GLY A 386 2.56 11.06 -10.53
N ASP A 387 3.26 11.26 -11.65
CA ASP A 387 3.96 12.50 -11.91
C ASP A 387 3.03 13.57 -12.50
N MET A 388 1.88 13.13 -13.01
CA MET A 388 0.89 14.04 -13.59
C MET A 388 -0.03 14.63 -12.53
N ALA A 389 -0.21 13.90 -11.44
CA ALA A 389 -1.17 14.29 -10.40
C ALA A 389 -0.80 15.61 -9.74
N GLN A 390 0.49 15.94 -9.79
CA GLN A 390 1.00 17.14 -9.15
C GLN A 390 0.60 18.40 -9.92
N ASP A 391 0.17 18.22 -11.17
CA ASP A 391 -0.02 19.34 -12.08
C ASP A 391 -1.49 19.69 -12.31
N THR A 392 -2.38 19.00 -11.60
CA THR A 392 -3.81 19.17 -11.83
C THR A 392 -4.43 20.28 -10.97
N GLY A 393 -3.69 20.73 -9.95
CA GLY A 393 -4.22 21.72 -9.03
C GLY A 393 -5.11 21.08 -7.98
N ILE A 394 -5.21 19.76 -8.04
CA ILE A 394 -5.96 19.00 -7.04
C ILE A 394 -4.98 18.47 -6.00
N PRO A 395 -5.15 18.87 -4.73
CA PRO A 395 -4.24 18.53 -3.63
C PRO A 395 -4.15 17.03 -3.40
N ALA A 396 -3.01 16.57 -2.90
CA ALA A 396 -2.74 15.14 -2.73
C ALA A 396 -3.78 14.44 -1.86
N ASP A 397 -4.27 15.12 -0.83
CA ASP A 397 -5.22 14.51 0.10
C ASP A 397 -6.58 14.26 -0.55
N ILE A 398 -6.89 15.03 -1.59
CA ILE A 398 -8.12 14.81 -2.33
C ILE A 398 -7.98 13.53 -3.14
N TRP A 399 -6.81 13.34 -3.73
CA TRP A 399 -6.50 12.09 -4.42
C TRP A 399 -6.56 10.92 -3.45
N ARG A 400 -5.92 11.09 -2.28
CA ARG A 400 -5.93 10.07 -1.24
C ARG A 400 -7.35 9.66 -0.86
N PHE A 401 -8.17 10.64 -0.54
CA PHE A 401 -9.55 10.39 -0.12
C PHE A 401 -10.32 9.57 -1.14
N TYR A 402 -10.31 10.01 -2.40
CA TYR A 402 -11.12 9.37 -3.42
C TYR A 402 -10.62 7.97 -3.75
N LEU A 403 -9.32 7.82 -3.94
CA LEU A 403 -8.72 6.52 -4.24
C LEU A 403 -9.01 5.51 -3.13
N LEU A 404 -9.00 5.98 -1.89
CA LEU A 404 -9.29 5.13 -0.74
C LEU A 404 -10.79 4.89 -0.58
N TYR A 405 -11.59 5.87 -1.00
CA TYR A 405 -13.05 5.70 -0.97
C TYR A 405 -13.48 4.59 -1.91
N ILE A 406 -12.78 4.44 -3.03
CA ILE A 406 -13.12 3.42 -4.01
C ILE A 406 -12.06 2.32 -4.12
N ARG A 407 -11.27 2.14 -3.06
CA ARG A 407 -10.23 1.11 -3.04
C ARG A 407 -10.77 -0.27 -3.39
N PRO A 408 -10.22 -0.89 -4.44
CA PRO A 408 -10.71 -2.17 -4.96
C PRO A 408 -10.40 -3.36 -4.05
N GLU A 409 -11.29 -3.65 -3.11
CA GLU A 409 -11.05 -4.69 -2.13
C GLU A 409 -11.62 -6.05 -2.56
N GLY A 410 -12.94 -6.15 -2.67
CA GLY A 410 -13.56 -7.38 -3.08
C GLY A 410 -13.54 -7.58 -4.58
N GLN A 411 -13.79 -6.51 -5.31
CA GLN A 411 -13.80 -6.56 -6.77
C GLN A 411 -13.04 -5.38 -7.36
N ASP A 412 -12.94 -5.35 -8.69
CA ASP A 412 -12.33 -4.22 -9.36
C ASP A 412 -13.16 -2.96 -9.15
N SER A 413 -12.49 -1.81 -9.14
CA SER A 413 -13.17 -0.53 -9.13
C SER A 413 -12.63 0.29 -10.29
N ALA A 414 -13.30 1.41 -10.59
CA ALA A 414 -12.89 2.24 -11.70
C ALA A 414 -12.80 3.70 -11.29
N PHE A 415 -11.69 4.34 -11.65
CA PHE A 415 -11.52 5.77 -11.43
C PHE A 415 -12.46 6.53 -12.35
N SER A 416 -13.19 7.48 -11.79
CA SER A 416 -14.08 8.31 -12.60
C SER A 416 -13.96 9.77 -12.20
N TRP A 417 -13.69 10.62 -13.18
CA TRP A 417 -13.60 12.07 -12.94
C TRP A 417 -14.93 12.64 -12.46
N THR A 418 -16.01 12.13 -13.04
CA THR A 418 -17.36 12.50 -12.65
C THR A 418 -17.62 12.12 -11.19
N ASP A 419 -17.21 10.91 -10.82
CA ASP A 419 -17.41 10.42 -9.46
C ASP A 419 -16.54 11.17 -8.46
N LEU A 420 -15.32 11.52 -8.86
CA LEU A 420 -14.43 12.28 -7.99
C LEU A 420 -15.06 13.62 -7.61
N LEU A 421 -15.66 14.30 -8.58
CA LEU A 421 -16.33 15.57 -8.33
C LEU A 421 -17.51 15.39 -7.37
N LEU A 422 -18.36 14.41 -7.66
CA LEU A 422 -19.54 14.16 -6.84
C LEU A 422 -19.16 13.87 -5.40
N LYS A 423 -18.21 12.96 -5.21
CA LYS A 423 -17.80 12.53 -3.87
C LYS A 423 -17.07 13.64 -3.12
N ASN A 424 -16.30 14.44 -3.83
CA ASN A 424 -15.64 15.60 -3.23
C ASN A 424 -16.67 16.60 -2.71
N ASN A 425 -17.64 16.95 -3.55
CA ASN A 425 -18.62 17.96 -3.18
C ASN A 425 -19.62 17.46 -2.15
N SER A 426 -19.99 16.19 -2.23
CA SER A 426 -21.00 15.65 -1.33
C SER A 426 -20.41 15.23 0.02
N GLU A 427 -19.31 14.49 -0.01
CA GLU A 427 -18.78 13.89 1.20
C GLU A 427 -17.77 14.78 1.93
N LEU A 428 -16.97 15.54 1.19
CA LEU A 428 -15.99 16.41 1.81
C LEU A 428 -16.56 17.80 2.06
N LEU A 429 -17.15 18.39 1.03
CA LEU A 429 -17.66 19.75 1.13
C LEU A 429 -18.97 19.82 1.92
N ASN A 430 -19.99 19.08 1.48
CA ASN A 430 -21.32 19.17 2.09
C ASN A 430 -21.54 18.24 3.28
N ASN A 431 -20.50 17.53 3.72
CA ASN A 431 -20.61 16.67 4.89
C ASN A 431 -19.46 16.90 5.87
N LEU A 432 -18.32 16.26 5.61
CA LEU A 432 -17.19 16.28 6.54
C LEU A 432 -16.68 17.69 6.79
N GLY A 433 -16.48 18.45 5.72
CA GLY A 433 -15.99 19.81 5.83
C GLY A 433 -17.02 20.72 6.46
N ASN A 434 -18.28 20.52 6.10
CA ASN A 434 -19.36 21.36 6.62
C ASN A 434 -19.44 21.28 8.15
N PHE A 435 -19.35 20.07 8.69
CA PHE A 435 -19.42 19.90 10.14
C PHE A 435 -18.25 20.56 10.86
N ILE A 436 -17.04 20.29 10.38
CA ILE A 436 -15.84 20.78 11.04
C ILE A 436 -15.70 22.30 10.87
N ASN A 437 -16.16 22.81 9.74
CA ASN A 437 -16.19 24.25 9.53
C ASN A 437 -17.13 24.94 10.52
N ARG A 438 -18.35 24.45 10.61
CA ARG A 438 -19.35 25.01 11.52
C ARG A 438 -18.89 24.92 12.98
N ALA A 439 -18.37 23.76 13.36
CA ALA A 439 -17.88 23.55 14.72
C ALA A 439 -16.85 24.61 15.10
N GLY A 440 -15.77 24.68 14.32
CA GLY A 440 -14.73 25.65 14.58
C GLY A 440 -15.20 27.09 14.47
N MET A 441 -16.12 27.34 13.55
CA MET A 441 -16.63 28.69 13.30
C MET A 441 -17.44 29.21 14.49
N PHE A 442 -18.22 28.32 15.10
CA PHE A 442 -19.07 28.70 16.22
C PHE A 442 -18.25 29.07 17.46
N VAL A 443 -17.14 28.37 17.67
CA VAL A 443 -16.25 28.69 18.78
C VAL A 443 -15.60 30.05 18.56
N SER A 444 -15.11 30.26 17.35
CA SER A 444 -14.37 31.47 17.02
C SER A 444 -15.26 32.71 17.01
N LYS A 445 -16.49 32.54 16.55
CA LYS A 445 -17.42 33.67 16.39
C LYS A 445 -18.16 34.00 17.68
N PHE A 446 -18.76 32.99 18.30
CA PHE A 446 -19.66 33.21 19.43
C PHE A 446 -18.95 33.24 20.79
N PHE A 447 -17.77 32.64 20.87
CA PHE A 447 -17.13 32.46 22.16
C PHE A 447 -15.67 32.91 22.18
N GLY A 448 -15.30 33.78 21.25
CA GLY A 448 -13.99 34.40 21.24
C GLY A 448 -12.83 33.45 21.08
N GLY A 449 -13.10 32.25 20.56
CA GLY A 449 -12.05 31.28 20.34
C GLY A 449 -11.80 30.38 21.53
N TYR A 450 -12.64 30.50 22.55
CA TYR A 450 -12.56 29.65 23.73
C TYR A 450 -13.69 28.63 23.75
N VAL A 451 -13.33 27.36 23.93
CA VAL A 451 -14.33 26.30 24.00
C VAL A 451 -15.29 26.54 25.16
N PRO A 452 -16.59 26.62 24.86
CA PRO A 452 -17.62 26.92 25.86
C PRO A 452 -17.78 25.83 26.90
N GLU A 453 -18.48 26.14 27.99
CA GLU A 453 -18.82 25.15 28.99
C GLU A 453 -19.84 24.16 28.44
N MET A 454 -19.72 22.90 28.81
CA MET A 454 -20.56 21.86 28.26
C MET A 454 -21.41 21.17 29.33
N VAL A 455 -22.71 21.48 29.32
CA VAL A 455 -23.65 20.86 30.25
C VAL A 455 -24.50 19.84 29.49
N LEU A 456 -24.18 18.57 29.68
CA LEU A 456 -24.74 17.50 28.85
C LEU A 456 -26.19 17.15 29.20
N THR A 457 -27.07 17.26 28.20
CA THR A 457 -28.44 16.79 28.29
C THR A 457 -28.44 15.29 27.98
N PRO A 458 -29.58 14.60 28.20
CA PRO A 458 -29.62 13.19 27.81
C PRO A 458 -29.37 12.97 26.32
N ASP A 459 -29.91 13.84 25.48
CA ASP A 459 -29.72 13.74 24.04
C ASP A 459 -28.24 13.91 23.65
N ASP A 460 -27.52 14.74 24.41
CA ASP A 460 -26.09 14.91 24.18
C ASP A 460 -25.32 13.65 24.54
N GLN A 461 -25.77 12.97 25.60
CA GLN A 461 -25.14 11.73 26.02
C GLN A 461 -25.35 10.63 24.99
N ARG A 462 -26.52 10.62 24.36
CA ARG A 462 -26.82 9.67 23.30
C ARG A 462 -25.88 9.87 22.11
N LEU A 463 -25.78 11.11 21.64
CA LEU A 463 -24.87 11.46 20.55
C LEU A 463 -23.45 11.04 20.88
N LEU A 464 -23.02 11.38 22.08
CA LEU A 464 -21.68 11.06 22.56
C LEU A 464 -21.43 9.55 22.55
N ALA A 465 -22.44 8.79 22.92
CA ALA A 465 -22.31 7.34 22.95
C ALA A 465 -22.34 6.76 21.54
N HIS A 466 -23.12 7.37 20.66
CA HIS A 466 -23.18 6.98 19.26
C HIS A 466 -21.84 7.20 18.57
N VAL A 467 -21.20 8.33 18.89
CA VAL A 467 -19.89 8.64 18.33
C VAL A 467 -18.86 7.60 18.77
N THR A 468 -18.92 7.23 20.05
CA THR A 468 -18.02 6.23 20.60
C THR A 468 -18.16 4.87 19.93
N LEU A 469 -19.41 4.48 19.65
CA LEU A 469 -19.67 3.21 18.98
C LEU A 469 -19.13 3.19 17.57
N GLU A 470 -19.31 4.30 16.85
CA GLU A 470 -18.76 4.41 15.50
C GLU A 470 -17.23 4.40 15.53
N LEU A 471 -16.66 4.99 16.57
CA LEU A 471 -15.21 4.97 16.76
C LEU A 471 -14.71 3.55 16.95
N GLN A 472 -15.42 2.78 17.76
CA GLN A 472 -15.04 1.40 18.04
C GLN A 472 -15.23 0.54 16.80
N HIS A 473 -16.29 0.82 16.04
CA HIS A 473 -16.54 0.17 14.77
C HIS A 473 -15.40 0.51 13.79
N TYR A 474 -14.99 1.77 13.80
CA TYR A 474 -13.85 2.24 13.01
C TYR A 474 -12.60 1.43 13.37
N HIS A 475 -12.35 1.29 14.66
CA HIS A 475 -11.22 0.49 15.13
C HIS A 475 -11.37 -0.96 14.68
N GLN A 476 -12.55 -1.52 14.92
CA GLN A 476 -12.90 -2.88 14.52
C GLN A 476 -12.49 -3.17 13.08
N LEU A 477 -12.81 -2.24 12.19
CA LEU A 477 -12.54 -2.41 10.76
C LEU A 477 -11.07 -2.27 10.41
N LEU A 478 -10.45 -1.18 10.84
CA LEU A 478 -9.05 -0.91 10.49
C LEU A 478 -8.09 -1.90 11.16
N GLU A 479 -8.53 -2.50 12.26
CA GLU A 479 -7.76 -3.58 12.88
C GLU A 479 -7.65 -4.77 11.93
N LYS A 480 -8.64 -4.91 11.05
CA LYS A 480 -8.62 -5.99 10.06
C LYS A 480 -8.34 -5.47 8.65
N VAL A 481 -7.71 -4.30 8.58
CA VAL A 481 -7.32 -3.66 7.31
C VAL A 481 -8.52 -3.48 6.36
N ARG A 482 -9.66 -3.13 6.92
CA ARG A 482 -10.82 -2.76 6.10
C ARG A 482 -10.81 -1.24 5.88
N ILE A 483 -9.86 -0.80 5.07
CA ILE A 483 -9.59 0.62 4.85
C ILE A 483 -10.78 1.36 4.23
N ARG A 484 -11.45 0.71 3.29
CA ARG A 484 -12.59 1.29 2.60
C ARG A 484 -13.73 1.63 3.57
N ASP A 485 -14.07 0.68 4.43
CA ASP A 485 -15.22 0.83 5.31
C ASP A 485 -14.99 1.78 6.48
N ALA A 486 -13.78 1.77 7.03
CA ALA A 486 -13.43 2.67 8.13
C ALA A 486 -13.51 4.13 7.69
N LEU A 487 -13.20 4.39 6.42
CA LEU A 487 -13.32 5.75 5.88
C LEU A 487 -14.76 6.21 5.93
N ARG A 488 -15.67 5.31 5.60
CA ARG A 488 -17.09 5.62 5.63
C ARG A 488 -17.59 5.80 7.07
N SER A 489 -16.92 5.14 8.01
CA SER A 489 -17.21 5.31 9.42
C SER A 489 -16.93 6.74 9.87
N ILE A 490 -15.84 7.30 9.34
CA ILE A 490 -15.50 8.70 9.60
C ILE A 490 -16.62 9.63 9.13
N LEU A 491 -17.08 9.38 7.91
CA LEU A 491 -18.14 10.18 7.30
C LEU A 491 -19.47 9.95 8.01
N THR A 492 -19.61 8.82 8.68
CA THR A 492 -20.82 8.51 9.42
C THR A 492 -20.91 9.37 10.68
N ILE A 493 -19.80 9.48 11.39
CA ILE A 493 -19.72 10.34 12.56
C ILE A 493 -20.00 11.79 12.21
N SER A 494 -19.32 12.25 11.15
CA SER A 494 -19.51 13.61 10.65
C SER A 494 -20.96 13.88 10.26
N ARG A 495 -21.59 12.89 9.64
CA ARG A 495 -22.99 13.01 9.24
C ARG A 495 -23.88 13.08 10.47
N HIS A 496 -23.51 12.35 11.52
CA HIS A 496 -24.20 12.44 12.81
C HIS A 496 -24.05 13.84 13.42
N GLY A 497 -22.83 14.38 13.34
CA GLY A 497 -22.55 15.69 13.89
C GLY A 497 -23.31 16.81 13.20
N ASN A 498 -23.42 16.72 11.88
CA ASN A 498 -24.17 17.71 11.11
C ASN A 498 -25.65 17.71 11.51
N GLN A 499 -26.18 16.53 11.80
CA GLN A 499 -27.56 16.42 12.23
C GLN A 499 -27.74 17.04 13.62
N TYR A 500 -26.77 16.78 14.49
CA TYR A 500 -26.76 17.34 15.84
C TYR A 500 -26.78 18.87 15.83
N ILE A 501 -25.92 19.45 14.99
CA ILE A 501 -25.87 20.91 14.85
C ILE A 501 -27.16 21.46 14.26
N GLN A 502 -27.66 20.81 13.22
CA GLN A 502 -28.82 21.29 12.49
C GLN A 502 -30.09 21.36 13.34
N VAL A 503 -30.32 20.35 14.17
CA VAL A 503 -31.53 20.32 14.99
C VAL A 503 -31.44 21.26 16.18
N ASN A 504 -30.22 21.52 16.65
CA ASN A 504 -30.02 22.36 17.82
C ASN A 504 -29.91 23.84 17.46
N GLU A 505 -29.63 24.11 16.18
CA GLU A 505 -29.45 25.46 15.64
C GLU A 505 -28.76 26.42 16.59
N PRO A 506 -27.52 26.09 17.02
CA PRO A 506 -26.85 26.89 18.04
C PRO A 506 -26.57 28.33 17.59
N TRP A 507 -26.42 28.56 16.29
CA TRP A 507 -26.14 29.89 15.79
C TRP A 507 -27.35 30.80 15.90
N LYS A 508 -28.51 30.19 16.15
CA LYS A 508 -29.73 30.95 16.41
C LYS A 508 -29.94 31.13 17.90
N ARG A 509 -29.83 30.03 18.65
CA ARG A 509 -30.08 30.03 20.09
C ARG A 509 -29.12 30.95 20.83
N ILE A 510 -27.94 31.18 20.26
CA ILE A 510 -26.91 32.01 20.89
C ILE A 510 -27.40 33.45 21.09
N LYS A 511 -28.40 33.84 20.30
CA LYS A 511 -28.99 35.17 20.42
C LYS A 511 -30.27 35.14 21.23
N GLY A 512 -30.33 34.26 22.23
CA GLY A 512 -31.55 34.06 22.98
C GLY A 512 -31.43 34.16 24.49
N SER A 513 -32.38 33.52 25.18
CA SER A 513 -32.45 33.57 26.63
C SER A 513 -31.26 32.90 27.30
N GLU A 514 -31.02 33.27 28.55
CA GLU A 514 -29.99 32.69 29.42
C GLU A 514 -29.80 31.20 29.19
N ALA A 515 -30.92 30.48 29.16
CA ALA A 515 -30.91 29.03 28.97
C ALA A 515 -30.50 28.66 27.55
N ASP A 516 -31.05 29.36 26.56
CA ASP A 516 -30.75 29.06 25.17
C ASP A 516 -29.28 29.26 24.83
N ARG A 517 -28.64 30.25 25.46
CA ARG A 517 -27.22 30.48 25.22
C ARG A 517 -26.36 29.36 25.78
N GLN A 518 -26.83 28.72 26.85
CA GLN A 518 -26.08 27.62 27.47
C GLN A 518 -26.16 26.37 26.59
N ARG A 519 -27.34 26.11 26.04
CA ARG A 519 -27.52 25.01 25.10
C ARG A 519 -26.65 25.19 23.87
N ALA A 520 -26.57 26.43 23.40
CA ALA A 520 -25.74 26.75 22.23
C ALA A 520 -24.28 26.44 22.51
N GLY A 521 -23.82 26.77 23.70
CA GLY A 521 -22.44 26.52 24.09
C GLY A 521 -22.13 25.05 24.25
N THR A 522 -23.06 24.32 24.85
CA THR A 522 -22.91 22.87 25.04
C THR A 522 -22.78 22.17 23.70
N VAL A 523 -23.72 22.49 22.80
CA VAL A 523 -23.71 21.92 21.45
C VAL A 523 -22.42 22.29 20.72
N THR A 524 -22.02 23.55 20.85
CA THR A 524 -20.82 24.04 20.20
C THR A 524 -19.57 23.31 20.71
N GLY A 525 -19.45 23.20 22.03
CA GLY A 525 -18.30 22.54 22.63
C GLY A 525 -18.20 21.07 22.30
N LEU A 526 -19.34 20.37 22.34
CA LEU A 526 -19.36 18.95 22.02
C LEU A 526 -19.03 18.74 20.54
N ALA A 527 -19.54 19.63 19.70
CA ALA A 527 -19.30 19.57 18.26
C ALA A 527 -17.81 19.61 17.94
N VAL A 528 -17.09 20.56 18.54
CA VAL A 528 -15.68 20.73 18.20
C VAL A 528 -14.81 19.64 18.80
N ASN A 529 -15.30 18.99 19.85
CA ASN A 529 -14.61 17.83 20.39
C ASN A 529 -14.76 16.65 19.46
N ILE A 530 -15.90 16.58 18.78
CA ILE A 530 -16.12 15.58 17.75
C ILE A 530 -15.22 15.87 16.56
N ALA A 531 -15.10 17.16 16.22
CA ALA A 531 -14.22 17.59 15.16
C ALA A 531 -12.78 17.20 15.47
N ALA A 532 -12.35 17.42 16.71
CA ALA A 532 -11.03 17.04 17.17
C ALA A 532 -10.79 15.54 17.00
N LEU A 533 -11.79 14.74 17.36
CA LEU A 533 -11.71 13.29 17.17
C LEU A 533 -11.60 12.94 15.69
N LEU A 534 -12.42 13.58 14.87
CA LEU A 534 -12.44 13.31 13.44
C LEU A 534 -11.07 13.53 12.80
N SER A 535 -10.38 14.57 13.24
CA SER A 535 -9.05 14.91 12.69
C SER A 535 -8.04 13.79 12.87
N VAL A 536 -8.10 13.13 14.04
CA VAL A 536 -7.18 12.03 14.32
C VAL A 536 -7.57 10.79 13.54
N MET A 537 -8.87 10.54 13.43
CA MET A 537 -9.38 9.43 12.63
C MET A 537 -9.05 9.63 11.16
N LEU A 538 -9.02 10.89 10.74
CA LEU A 538 -8.79 11.22 9.33
C LEU A 538 -7.31 11.18 8.98
N GLN A 539 -6.48 11.20 10.00
CA GLN A 539 -5.06 11.21 9.85
C GLN A 539 -4.49 10.16 8.96
N PRO A 540 -4.89 8.91 9.11
CA PRO A 540 -4.37 7.89 8.20
C PRO A 540 -4.82 8.06 6.75
N TYR A 541 -5.89 8.84 6.53
CA TYR A 541 -6.45 8.97 5.19
C TYR A 541 -6.03 10.28 4.52
N MET A 542 -6.21 11.39 5.23
CA MET A 542 -5.84 12.70 4.72
C MET A 542 -4.99 13.44 5.75
N PRO A 543 -3.70 13.07 5.85
CA PRO A 543 -2.78 13.58 6.88
C PRO A 543 -2.59 15.10 6.85
N THR A 544 -2.61 15.72 5.67
CA THR A 544 -2.44 17.17 5.58
C THR A 544 -3.65 17.89 6.15
N VAL A 545 -4.85 17.48 5.73
CA VAL A 545 -6.08 18.07 6.27
C VAL A 545 -6.19 17.83 7.76
N SER A 546 -5.83 16.62 8.19
CA SER A 546 -5.78 16.26 9.60
C SER A 546 -4.95 17.26 10.40
N ALA A 547 -3.75 17.55 9.91
CA ALA A 547 -2.87 18.50 10.57
C ALA A 547 -3.43 19.92 10.48
N THR A 548 -4.11 20.22 9.38
CA THR A 548 -4.71 21.54 9.19
C THR A 548 -5.79 21.79 10.24
N ILE A 549 -6.66 20.80 10.43
CA ILE A 549 -7.70 20.87 11.43
C ILE A 549 -7.08 21.03 12.81
N GLN A 550 -6.07 20.21 13.09
CA GLN A 550 -5.41 20.23 14.38
C GLN A 550 -4.68 21.55 14.62
N ALA A 551 -4.26 22.20 13.54
CA ALA A 551 -3.66 23.52 13.65
C ALA A 551 -4.74 24.56 13.97
N GLN A 552 -5.87 24.46 13.28
CA GLN A 552 -6.98 25.40 13.47
C GLN A 552 -7.61 25.29 14.84
N LEU A 553 -7.62 24.10 15.40
CA LEU A 553 -8.20 23.87 16.72
C LEU A 553 -7.13 23.92 17.80
N GLN A 554 -5.87 23.98 17.38
CA GLN A 554 -4.73 23.92 18.29
C GLN A 554 -4.82 22.71 19.22
N LEU A 555 -5.12 21.55 18.65
CA LEU A 555 -5.15 20.31 19.41
C LEU A 555 -3.75 19.93 19.86
N PRO A 556 -3.56 19.74 21.18
CA PRO A 556 -2.26 19.40 21.75
C PRO A 556 -1.63 18.17 21.11
N PRO A 557 -0.31 18.20 20.87
CA PRO A 557 0.44 17.10 20.26
C PRO A 557 0.16 15.70 20.83
N PRO A 558 0.01 15.55 22.17
CA PRO A 558 -0.28 14.20 22.62
C PRO A 558 -1.65 13.67 22.15
N ALA A 559 -2.64 14.56 22.07
CA ALA A 559 -3.96 14.16 21.63
C ALA A 559 -3.98 13.85 20.13
N CYS A 560 -3.05 14.44 19.39
CA CYS A 560 -2.96 14.24 17.95
C CYS A 560 -2.27 12.92 17.61
N SER A 561 -1.54 12.36 18.58
CA SER A 561 -0.64 11.25 18.32
C SER A 561 -1.21 9.88 18.70
N ILE A 562 -2.38 9.86 19.32
CA ILE A 562 -2.98 8.60 19.71
C ILE A 562 -4.49 8.59 19.50
N LEU A 563 -5.00 7.44 19.08
CA LEU A 563 -6.43 7.26 18.91
C LEU A 563 -6.93 6.19 19.87
N LEU A 564 -7.55 6.63 20.97
CA LEU A 564 -8.11 5.70 21.94
C LEU A 564 -9.42 5.13 21.43
N THR A 565 -9.87 4.04 22.04
CA THR A 565 -11.08 3.37 21.59
C THR A 565 -12.32 4.07 22.14
N ASN A 566 -12.10 5.09 22.96
CA ASN A 566 -13.20 5.88 23.51
C ASN A 566 -13.14 7.34 23.08
N PHE A 567 -14.30 7.93 22.87
CA PHE A 567 -14.42 9.33 22.51
C PHE A 567 -14.07 10.21 23.72
N LEU A 568 -12.92 10.88 23.64
CA LEU A 568 -12.46 11.73 24.74
C LEU A 568 -12.77 13.19 24.53
N CYS A 569 -12.83 13.93 25.63
CA CYS A 569 -12.90 15.39 25.58
C CYS A 569 -11.48 15.95 25.52
N THR A 570 -10.98 16.15 24.30
CA THR A 570 -9.62 16.63 24.09
C THR A 570 -9.56 18.16 24.12
N LEU A 571 -10.71 18.79 24.02
CA LEU A 571 -10.81 20.25 24.11
C LEU A 571 -11.76 20.64 25.24
N PRO A 572 -11.21 20.75 26.46
CA PRO A 572 -12.03 21.11 27.63
C PRO A 572 -12.56 22.53 27.52
N ALA A 573 -13.55 22.86 28.33
CA ALA A 573 -14.07 24.22 28.37
C ALA A 573 -12.96 25.18 28.77
N GLY A 574 -12.73 26.19 27.94
CA GLY A 574 -11.67 27.15 28.20
C GLY A 574 -10.47 26.98 27.29
N HIS A 575 -10.45 25.90 26.51
CA HIS A 575 -9.37 25.69 25.55
C HIS A 575 -9.44 26.72 24.44
N GLN A 576 -8.30 27.29 24.09
CA GLN A 576 -8.25 28.30 23.04
C GLN A 576 -7.91 27.68 21.70
N ILE A 577 -8.77 27.90 20.70
CA ILE A 577 -8.51 27.41 19.36
C ILE A 577 -7.78 28.47 18.55
N GLY A 578 -7.24 28.07 17.40
CA GLY A 578 -6.56 29.01 16.52
C GLY A 578 -7.55 29.69 15.59
N THR A 579 -7.11 30.01 14.38
CA THR A 579 -7.97 30.66 13.41
C THR A 579 -8.53 29.65 12.41
N VAL A 580 -9.85 29.64 12.27
CA VAL A 580 -10.51 28.67 11.42
C VAL A 580 -10.64 29.15 9.98
N SER A 581 -10.68 28.18 9.06
CA SER A 581 -10.74 28.45 7.64
C SER A 581 -11.29 27.21 6.95
N PRO A 582 -12.18 27.40 5.96
CA PRO A 582 -12.84 26.29 5.27
C PRO A 582 -11.86 25.21 4.81
N LEU A 583 -12.13 23.96 5.17
CA LEU A 583 -11.21 22.87 4.92
C LEU A 583 -11.05 22.55 3.46
N PHE A 584 -12.17 22.42 2.75
CA PHE A 584 -12.15 21.91 1.40
C PHE A 584 -12.63 22.92 0.37
N GLN A 585 -12.15 22.77 -0.86
CA GLN A 585 -12.62 23.58 -1.97
C GLN A 585 -13.53 22.76 -2.88
N LYS A 586 -14.56 23.43 -3.39
CA LYS A 586 -15.49 22.83 -4.34
C LYS A 586 -14.79 22.46 -5.66
N LEU A 587 -15.18 21.34 -6.25
CA LEU A 587 -14.68 20.96 -7.57
C LEU A 587 -15.68 21.39 -8.64
N GLU A 588 -15.19 22.12 -9.65
CA GLU A 588 -16.04 22.69 -10.69
C GLU A 588 -16.15 21.77 -11.90
N ASN A 589 -17.27 21.86 -12.61
CA ASN A 589 -17.52 20.98 -13.75
C ASN A 589 -16.60 21.23 -14.93
N ASP A 590 -16.39 22.50 -15.29
CA ASP A 590 -15.47 22.86 -16.37
C ASP A 590 -14.07 22.38 -16.04
N GLN A 591 -13.65 22.63 -14.80
CA GLN A 591 -12.35 22.19 -14.30
C GLN A 591 -12.11 20.71 -14.50
N ILE A 592 -13.14 19.91 -14.25
CA ILE A 592 -13.03 18.46 -14.30
C ILE A 592 -13.10 17.92 -15.72
N GLU A 593 -13.96 18.51 -16.55
CA GLU A 593 -14.06 18.09 -17.94
C GLU A 593 -12.72 18.30 -18.64
N SER A 594 -12.04 19.40 -18.28
CA SER A 594 -10.73 19.70 -18.83
C SER A 594 -9.68 18.64 -18.45
N LEU A 595 -9.63 18.30 -17.17
CA LEU A 595 -8.72 17.26 -16.70
C LEU A 595 -9.05 15.92 -17.34
N ARG A 596 -10.35 15.64 -17.46
CA ARG A 596 -10.82 14.38 -18.02
C ARG A 596 -10.44 14.24 -19.50
N GLN A 597 -10.47 15.34 -20.23
CA GLN A 597 -10.06 15.34 -21.63
C GLN A 597 -8.55 15.18 -21.75
N ARG A 598 -7.83 15.72 -20.76
CA ARG A 598 -6.37 15.68 -20.75
C ARG A 598 -5.82 14.28 -20.54
N PHE A 599 -6.46 13.52 -19.66
CA PHE A 599 -5.98 12.17 -19.35
C PHE A 599 -6.81 11.10 -20.05
N GLY A 600 -7.72 11.51 -20.92
CA GLY A 600 -8.64 10.58 -21.55
C GLY A 600 -8.08 9.81 -22.73
N GLY A 601 -7.07 10.37 -23.39
CA GLY A 601 -6.44 9.71 -24.52
C GLY A 601 -6.72 10.38 -25.86
N GLY A 602 -7.72 11.24 -25.89
CA GLY A 602 -8.10 11.92 -27.11
C GLY A 602 -7.15 13.04 -27.51
N GLN A 603 -6.22 13.36 -26.63
CA GLN A 603 -5.22 14.39 -26.89
C GLN A 603 -3.84 13.77 -27.07
N ALA A 604 -3.81 12.51 -27.51
CA ALA A 604 -2.58 11.73 -27.58
C ALA A 604 -1.60 12.27 -28.63
N LYS A 605 -0.41 11.68 -28.68
CA LYS A 605 0.62 12.04 -29.64
C LYS A 605 1.34 10.82 -30.17
ZN ZN B . 21.19 -12.16 -33.43
ZN ZN C . 3.68 -26.04 -38.56
N MET D . 8.24 -4.97 -8.72
CA MET D . 7.27 -6.07 -8.66
C MET D . 5.97 -5.69 -9.38
O MET D . 5.17 -6.55 -9.72
CB MET D . 6.96 -6.44 -7.21
CG MET D . 8.19 -6.79 -6.36
SD MET D . 7.74 -7.09 -4.64
CE MET D . 9.29 -7.76 -4.01
OXT MET D . 5.71 -4.52 -9.64
#